data_2E94
#
_entry.id   2E94
#
_cell.length_a   46.570
_cell.length_b   116.393
_cell.length_c   128.545
_cell.angle_alpha   90.00
_cell.angle_beta   90.00
_cell.angle_gamma   90.00
#
_symmetry.space_group_name_H-M   'P 21 21 21'
#
loop_
_entity.id
_entity.type
_entity.pdbx_description
1 polymer 'Geranylgeranyl pyrophosphate synthetase'
2 non-polymer 'MAGNESIUM ION'
3 non-polymer 3-BIPHENYL-3-YL-1-(2-HYDROXY-2,2-DIPHOSPHONOETHYL)PYRIDINIUM
4 water water
#
_entity_poly.entity_id   1
_entity_poly.type   'polypeptide(L)'
_entity_poly.pdbx_seq_one_letter_code
;MTKNKMEAKIDELINNDPVWSSQNESLISKPYNHILLKPGKNFRLNLIVQINRVMNLPKDQLAIVSQIVELLHNSSLLID
DIEDNAPLRRGQTTSHLIFGVPSTINTANYMYFRAMQLVSQLTTKEPLYHNLITIFNEELINLHRGQGLDIYWRDFLPEI
IPTQEMYLNMVMNKTGGLFRLTLRLMEALSPSSHHGHSLVPFINLLGIIYQIRDDYLNLKDFQMSSEKGFAEDITEGKLS
FPIVHALNFTKTKGQTEQHNEILRILLLRTSDKDIKLKLIQILEFDTNSLAYTKNFINQLVNMIKNDNENKYLPDLASHS
DTATNLHDELLYIIDHLSEL
;
_entity_poly.pdbx_strand_id   A,B
#
# COMPACT_ATOMS: atom_id res chain seq x y z
N THR A 2 -23.03 27.81 -16.23
CA THR A 2 -24.50 27.88 -16.47
C THR A 2 -25.17 26.50 -16.47
N LYS A 3 -26.40 26.44 -15.97
CA LYS A 3 -27.17 25.20 -15.89
C LYS A 3 -27.04 24.37 -17.17
N ASN A 4 -26.68 25.03 -18.27
CA ASN A 4 -26.48 24.37 -19.56
C ASN A 4 -25.00 24.06 -19.74
N LYS A 5 -24.15 25.08 -19.62
CA LYS A 5 -22.70 24.91 -19.77
C LYS A 5 -22.13 23.96 -18.73
N MET A 6 -22.68 24.01 -17.53
CA MET A 6 -22.25 23.17 -16.43
C MET A 6 -22.59 21.71 -16.73
N GLU A 7 -23.84 21.48 -17.16
CA GLU A 7 -24.31 20.14 -17.49
C GLU A 7 -23.52 19.60 -18.69
N ALA A 8 -23.18 20.50 -19.61
CA ALA A 8 -22.41 20.10 -20.77
C ALA A 8 -20.98 19.74 -20.35
N LYS A 9 -20.41 20.53 -19.43
CA LYS A 9 -19.05 20.27 -18.95
C LYS A 9 -18.99 18.97 -18.16
N ILE A 10 -19.98 18.76 -17.29
CA ILE A 10 -20.04 17.55 -16.50
C ILE A 10 -20.23 16.38 -17.47
N ASP A 11 -21.12 16.55 -18.44
CA ASP A 11 -21.37 15.49 -19.42
C ASP A 11 -20.06 15.13 -20.13
N GLU A 12 -19.30 16.13 -20.51
CA GLU A 12 -18.03 15.85 -21.19
C GLU A 12 -16.98 15.21 -20.23
N LEU A 13 -17.02 15.58 -18.95
CA LEU A 13 -16.10 15.02 -17.97
C LEU A 13 -16.40 13.52 -17.76
N ILE A 14 -17.66 13.19 -17.52
CA ILE A 14 -18.06 11.84 -17.27
C ILE A 14 -18.07 10.89 -18.48
N ASN A 15 -17.96 11.46 -19.67
CA ASN A 15 -17.90 10.61 -20.86
C ASN A 15 -16.49 10.44 -21.38
N ASN A 16 -15.51 10.84 -20.56
CA ASN A 16 -14.11 10.71 -20.95
C ASN A 16 -13.28 10.00 -19.88
N ASP A 17 -12.09 9.52 -20.23
CA ASP A 17 -11.25 8.87 -19.23
C ASP A 17 -10.82 9.93 -18.25
N PRO A 18 -10.34 9.51 -17.08
CA PRO A 18 -9.95 10.60 -16.19
C PRO A 18 -8.75 11.36 -16.72
N VAL A 19 -8.74 12.66 -16.49
CA VAL A 19 -7.65 13.52 -16.94
C VAL A 19 -6.46 13.37 -15.98
N TRP A 20 -5.29 13.09 -16.53
CA TRP A 20 -4.06 12.96 -15.76
C TRP A 20 -2.91 13.53 -16.60
N SER A 21 -2.27 14.59 -16.14
CA SER A 21 -1.13 15.22 -16.84
C SER A 21 0.25 14.68 -16.43
N SER A 22 1.26 15.00 -17.24
CA SER A 22 2.64 14.60 -16.96
C SER A 22 3.15 15.40 -15.76
N GLN A 23 2.57 16.59 -15.54
CA GLN A 23 2.90 17.42 -14.39
C GLN A 23 2.40 16.68 -13.13
N ASN A 24 1.16 16.18 -13.18
CA ASN A 24 0.56 15.45 -12.05
C ASN A 24 1.46 14.25 -11.74
N GLU A 25 1.87 13.53 -12.77
CA GLU A 25 2.72 12.33 -12.65
C GLU A 25 4.03 12.70 -11.93
N SER A 26 4.66 13.80 -12.34
CA SER A 26 5.87 14.24 -11.67
C SER A 26 5.58 14.55 -10.20
N LEU A 27 4.54 15.35 -9.93
CA LEU A 27 4.28 15.70 -8.53
C LEU A 27 4.11 14.49 -7.60
N ILE A 28 3.42 13.46 -8.04
CA ILE A 28 3.25 12.35 -7.14
C ILE A 28 4.42 11.33 -7.18
N SER A 29 5.39 11.53 -8.08
CA SER A 29 6.51 10.60 -8.15
C SER A 29 7.66 11.05 -7.27
N LYS A 30 7.52 12.21 -6.62
CA LYS A 30 8.58 12.69 -5.77
C LYS A 30 9.20 11.65 -4.80
N PRO A 31 8.36 10.94 -4.01
CA PRO A 31 8.94 9.96 -3.06
C PRO A 31 9.77 8.87 -3.69
N TYR A 32 9.37 8.45 -4.88
CA TYR A 32 10.04 7.39 -5.64
C TYR A 32 11.31 7.93 -6.33
N ASN A 33 11.22 9.09 -6.95
CA ASN A 33 12.41 9.65 -7.56
C ASN A 33 13.50 9.84 -6.48
N HIS A 34 13.12 10.23 -5.27
CA HIS A 34 14.11 10.40 -4.21
C HIS A 34 14.88 9.11 -3.89
N ILE A 35 14.20 7.97 -3.79
CA ILE A 35 14.91 6.73 -3.47
C ILE A 35 15.75 6.22 -4.64
N LEU A 36 15.40 6.56 -5.88
CA LEU A 36 16.21 6.10 -7.02
C LEU A 36 17.67 6.55 -6.91
N LEU A 37 17.89 7.78 -6.44
CA LEU A 37 19.23 8.34 -6.27
C LEU A 37 20.15 7.45 -5.44
N LYS A 38 19.60 6.47 -4.74
CA LYS A 38 20.42 5.57 -3.93
C LYS A 38 21.08 4.51 -4.81
N PRO A 39 22.32 4.11 -4.48
CA PRO A 39 22.95 3.07 -5.32
C PRO A 39 22.46 1.62 -5.03
N GLY A 40 23.24 0.63 -5.44
CA GLY A 40 22.89 -0.77 -5.21
C GLY A 40 22.16 -1.46 -6.36
N LYS A 41 21.80 -0.69 -7.38
CA LYS A 41 21.07 -1.17 -8.55
C LYS A 41 21.87 -2.05 -9.51
N ASN A 42 23.20 -1.87 -9.52
CA ASN A 42 24.08 -2.66 -10.40
C ASN A 42 24.11 -4.14 -10.06
N PHE A 43 24.12 -4.44 -8.77
CA PHE A 43 24.19 -5.81 -8.32
C PHE A 43 22.88 -6.57 -8.52
N ARG A 44 21.74 -5.96 -8.19
CA ARG A 44 20.45 -6.62 -8.43
C ARG A 44 20.29 -6.85 -9.92
N LEU A 45 20.97 -6.03 -10.71
CA LEU A 45 20.93 -6.16 -12.16
C LEU A 45 21.97 -7.20 -12.49
N ASN A 46 23.00 -7.27 -11.65
CA ASN A 46 24.06 -8.23 -11.85
C ASN A 46 23.49 -9.59 -11.48
N LEU A 47 22.55 -9.59 -10.55
CA LEU A 47 21.92 -10.85 -10.15
C LEU A 47 21.11 -11.33 -11.34
N ILE A 48 20.28 -10.45 -11.88
CA ILE A 48 19.46 -10.76 -13.04
C ILE A 48 20.37 -11.23 -14.18
N VAL A 49 21.42 -10.46 -14.46
CA VAL A 49 22.36 -10.82 -15.51
C VAL A 49 22.93 -12.22 -15.28
N GLN A 50 23.57 -12.41 -14.13
CA GLN A 50 24.13 -13.71 -13.80
C GLN A 50 23.11 -14.80 -14.07
N ILE A 51 21.95 -14.66 -13.47
CA ILE A 51 20.88 -15.64 -13.61
C ILE A 51 20.50 -15.88 -15.07
N ASN A 52 20.64 -14.85 -15.91
CA ASN A 52 20.26 -14.99 -17.31
C ASN A 52 21.23 -15.91 -18.08
N ARG A 53 22.45 -16.04 -17.55
CA ARG A 53 23.44 -16.92 -18.17
C ARG A 53 22.99 -18.36 -18.14
N VAL A 54 21.78 -18.60 -17.66
CA VAL A 54 21.23 -19.96 -17.59
C VAL A 54 19.80 -19.95 -18.16
N MET A 55 19.14 -18.80 -18.03
CA MET A 55 17.77 -18.65 -18.51
C MET A 55 17.69 -18.28 -20.00
N ASN A 56 18.73 -17.60 -20.50
CA ASN A 56 18.83 -17.17 -21.90
C ASN A 56 17.65 -16.35 -22.39
N LEU A 57 17.34 -15.26 -21.68
CA LEU A 57 16.25 -14.38 -22.08
C LEU A 57 16.82 -13.37 -23.07
N PRO A 58 16.02 -12.96 -24.06
CA PRO A 58 16.54 -11.97 -25.00
C PRO A 58 16.69 -10.71 -24.16
N LYS A 59 17.50 -9.77 -24.61
CA LYS A 59 17.76 -8.57 -23.85
C LYS A 59 16.61 -7.59 -23.64
N ASP A 60 15.72 -7.43 -24.63
CA ASP A 60 14.64 -6.50 -24.39
C ASP A 60 13.69 -6.99 -23.30
N GLN A 61 13.55 -8.32 -23.21
CA GLN A 61 12.69 -8.96 -22.21
C GLN A 61 13.36 -8.87 -20.83
N LEU A 62 14.65 -9.13 -20.79
CA LEU A 62 15.44 -9.06 -19.56
C LEU A 62 15.31 -7.67 -18.96
N ALA A 63 15.32 -6.66 -19.83
CA ALA A 63 15.20 -5.27 -19.41
C ALA A 63 13.83 -5.00 -18.79
N ILE A 64 12.77 -5.61 -19.32
CA ILE A 64 11.47 -5.40 -18.74
C ILE A 64 11.39 -6.10 -17.37
N VAL A 65 12.01 -7.28 -17.24
CA VAL A 65 11.98 -7.94 -15.94
C VAL A 65 12.68 -7.00 -14.94
N SER A 66 13.78 -6.43 -15.40
CA SER A 66 14.58 -5.54 -14.57
C SER A 66 13.76 -4.37 -14.04
N GLN A 67 13.03 -3.72 -14.93
CA GLN A 67 12.21 -2.59 -14.57
C GLN A 67 11.15 -2.97 -13.55
N ILE A 68 10.49 -4.12 -13.78
CA ILE A 68 9.45 -4.63 -12.90
C ILE A 68 9.98 -4.83 -11.47
N VAL A 69 11.11 -5.51 -11.38
CA VAL A 69 11.78 -5.85 -10.13
C VAL A 69 12.32 -4.59 -9.39
N GLU A 70 12.86 -3.65 -10.16
CA GLU A 70 13.35 -2.43 -9.58
C GLU A 70 12.21 -1.61 -8.96
N LEU A 71 11.06 -1.54 -9.65
CA LEU A 71 9.93 -0.82 -9.09
C LEU A 71 9.40 -1.53 -7.83
N LEU A 72 9.20 -2.84 -7.90
CA LEU A 72 8.71 -3.54 -6.73
C LEU A 72 9.67 -3.39 -5.54
N HIS A 73 10.94 -3.48 -5.84
CA HIS A 73 11.95 -3.39 -4.83
C HIS A 73 12.03 -2.02 -4.20
N ASN A 74 12.06 -0.97 -5.01
CA ASN A 74 12.13 0.37 -4.45
C ASN A 74 10.86 0.71 -3.66
N SER A 75 9.74 0.22 -4.15
CA SER A 75 8.46 0.50 -3.48
C SER A 75 8.43 -0.15 -2.12
N SER A 76 8.96 -1.38 -2.07
CA SER A 76 9.08 -2.13 -0.83
C SER A 76 9.96 -1.41 0.15
N LEU A 77 11.06 -0.84 -0.32
CA LEU A 77 11.97 -0.14 0.58
C LEU A 77 11.28 1.12 1.14
N LEU A 78 10.58 1.88 0.30
CA LEU A 78 9.87 3.10 0.76
C LEU A 78 8.94 2.76 1.90
N ILE A 79 8.14 1.71 1.70
CA ILE A 79 7.18 1.24 2.71
C ILE A 79 7.89 0.65 3.96
N ASP A 80 8.89 -0.16 3.69
CA ASP A 80 9.62 -0.80 4.77
C ASP A 80 10.15 0.28 5.72
N ASP A 81 10.70 1.33 5.15
CA ASP A 81 11.26 2.41 5.97
C ASP A 81 10.18 3.10 6.82
N ILE A 82 8.97 3.25 6.30
CA ILE A 82 7.90 3.82 7.09
C ILE A 82 7.61 2.81 8.22
N GLU A 83 7.47 1.55 7.83
CA GLU A 83 7.15 0.48 8.77
C GLU A 83 8.18 0.30 9.86
N ASP A 84 9.42 0.63 9.57
CA ASP A 84 10.54 0.51 10.54
C ASP A 84 10.87 1.85 11.17
N ASN A 85 10.20 2.93 10.74
CA ASN A 85 10.51 4.28 11.24
C ASN A 85 12.02 4.62 11.00
N ALA A 86 12.57 4.17 9.87
CA ALA A 86 13.97 4.38 9.52
C ALA A 86 14.23 5.83 9.11
N PRO A 87 15.22 6.48 9.74
CA PRO A 87 15.56 7.87 9.43
C PRO A 87 16.43 8.00 8.18
N LEU A 88 17.15 6.91 7.85
CA LEU A 88 18.10 6.90 6.75
C LEU A 88 18.04 5.69 5.84
N ARG A 89 18.37 5.91 4.57
CA ARG A 89 18.37 4.85 3.55
C ARG A 89 19.47 5.23 2.56
N ARG A 90 20.51 4.41 2.57
CA ARG A 90 21.67 4.59 1.71
C ARG A 90 22.31 5.95 1.95
N GLY A 91 22.56 6.23 3.23
CA GLY A 91 23.19 7.48 3.61
C GLY A 91 22.38 8.73 3.33
N GLN A 92 21.10 8.59 3.01
CA GLN A 92 20.27 9.76 2.77
C GLN A 92 18.98 9.74 3.62
N THR A 93 18.40 10.92 3.85
CA THR A 93 17.19 10.98 4.60
C THR A 93 16.12 10.18 3.85
N THR A 94 15.35 9.48 4.63
CA THR A 94 14.30 8.64 4.17
C THR A 94 13.15 9.46 3.52
N SER A 95 12.56 8.95 2.44
CA SER A 95 11.47 9.68 1.79
C SER A 95 10.29 10.13 2.67
N HIS A 96 9.82 9.28 3.58
CA HIS A 96 8.66 9.66 4.37
C HIS A 96 8.94 10.83 5.30
N LEU A 97 10.20 10.99 5.67
CA LEU A 97 10.54 12.11 6.51
C LEU A 97 10.60 13.41 5.70
N ILE A 98 10.87 13.30 4.41
CA ILE A 98 10.94 14.49 3.56
C ILE A 98 9.55 14.88 3.05
N PHE A 99 8.89 13.95 2.37
CA PHE A 99 7.56 14.23 1.79
C PHE A 99 6.37 13.80 2.62
N GLY A 100 6.63 13.14 3.74
CA GLY A 100 5.57 12.69 4.62
C GLY A 100 5.16 11.26 4.32
N VAL A 101 4.68 10.59 5.37
CA VAL A 101 4.15 9.24 5.28
C VAL A 101 3.00 9.08 4.24
N PRO A 102 1.97 9.97 4.28
CA PRO A 102 0.87 9.81 3.31
C PRO A 102 1.29 9.76 1.84
N SER A 103 2.08 10.71 1.37
CA SER A 103 2.49 10.68 -0.02
C SER A 103 3.40 9.51 -0.29
N THR A 104 4.26 9.17 0.66
CA THR A 104 5.20 8.08 0.44
C THR A 104 4.47 6.73 0.31
N ILE A 105 3.47 6.49 1.18
CA ILE A 105 2.67 5.28 1.11
C ILE A 105 1.90 5.25 -0.22
N ASN A 106 1.28 6.37 -0.58
CA ASN A 106 0.48 6.33 -1.78
C ASN A 106 1.33 6.10 -3.04
N THR A 107 2.49 6.74 -3.08
CA THR A 107 3.37 6.61 -4.22
C THR A 107 3.91 5.20 -4.37
N ALA A 108 4.37 4.64 -3.25
CA ALA A 108 4.91 3.27 -3.28
C ALA A 108 3.83 2.29 -3.79
N ASN A 109 2.62 2.38 -3.25
CA ASN A 109 1.54 1.48 -3.70
C ASN A 109 1.25 1.71 -5.18
N TYR A 110 1.26 2.97 -5.62
CA TYR A 110 1.04 3.32 -7.03
C TYR A 110 2.07 2.58 -7.92
N MET A 111 3.32 2.59 -7.49
CA MET A 111 4.36 1.93 -8.23
C MET A 111 4.18 0.41 -8.22
N TYR A 112 3.51 -0.15 -7.22
CA TYR A 112 3.24 -1.60 -7.24
C TYR A 112 2.38 -1.86 -8.49
N PHE A 113 1.34 -1.03 -8.70
CA PHE A 113 0.47 -1.19 -9.86
C PHE A 113 1.12 -0.82 -11.21
N ARG A 114 2.05 0.13 -11.21
CA ARG A 114 2.75 0.45 -12.46
C ARG A 114 3.60 -0.76 -12.80
N ALA A 115 4.17 -1.45 -11.80
CA ALA A 115 4.99 -2.61 -12.07
C ALA A 115 4.11 -3.69 -12.71
N MET A 116 2.95 -3.89 -12.10
CA MET A 116 2.02 -4.89 -12.59
C MET A 116 1.70 -4.69 -14.08
N GLN A 117 1.48 -3.44 -14.45
CA GLN A 117 1.15 -3.01 -15.79
C GLN A 117 2.26 -3.36 -16.78
N LEU A 118 3.51 -3.33 -16.33
CA LEU A 118 4.61 -3.69 -17.21
C LEU A 118 4.62 -5.20 -17.59
N VAL A 119 3.93 -6.03 -16.81
CA VAL A 119 3.95 -7.46 -17.14
C VAL A 119 3.42 -7.73 -18.54
N SER A 120 2.40 -7.00 -18.96
CA SER A 120 1.86 -7.24 -20.30
C SER A 120 2.85 -6.94 -21.43
N GLN A 121 3.91 -6.18 -21.14
CA GLN A 121 4.90 -5.89 -22.14
C GLN A 121 5.88 -7.06 -22.30
N LEU A 122 5.69 -8.10 -21.51
CA LEU A 122 6.57 -9.25 -21.59
C LEU A 122 6.17 -10.26 -22.71
N THR A 123 4.88 -10.29 -23.04
CA THR A 123 4.34 -11.22 -24.05
C THR A 123 3.02 -10.76 -24.62
N THR A 124 2.62 -11.41 -25.72
CA THR A 124 1.35 -11.16 -26.40
C THR A 124 0.57 -12.48 -26.37
N LYS A 125 1.19 -13.51 -25.78
CA LYS A 125 0.60 -14.87 -25.64
C LYS A 125 -0.16 -14.98 -24.33
N GLU A 126 -1.49 -14.95 -24.40
CA GLU A 126 -2.35 -15.02 -23.23
C GLU A 126 -2.04 -16.08 -22.17
N PRO A 127 -1.66 -17.29 -22.59
CA PRO A 127 -1.32 -18.40 -21.64
C PRO A 127 -0.11 -18.04 -20.74
N LEU A 128 0.97 -17.61 -21.38
CA LEU A 128 2.18 -17.20 -20.67
C LEU A 128 1.83 -15.99 -19.78
N TYR A 129 1.14 -15.01 -20.33
CA TYR A 129 0.75 -13.82 -19.61
C TYR A 129 0.04 -14.19 -18.30
N HIS A 130 -0.90 -15.13 -18.37
CA HIS A 130 -1.62 -15.57 -17.17
C HIS A 130 -0.69 -16.11 -16.09
N ASN A 131 0.32 -16.88 -16.53
CA ASN A 131 1.26 -17.44 -15.60
C ASN A 131 2.15 -16.38 -14.93
N LEU A 132 2.58 -15.39 -15.69
CA LEU A 132 3.45 -14.33 -15.17
C LEU A 132 2.71 -13.49 -14.11
N ILE A 133 1.44 -13.21 -14.33
CA ILE A 133 0.62 -12.45 -13.37
C ILE A 133 0.42 -13.23 -12.09
N THR A 134 0.09 -14.50 -12.20
CA THR A 134 -0.08 -15.38 -11.06
C THR A 134 1.24 -15.37 -10.25
N ILE A 135 2.36 -15.50 -10.93
CA ILE A 135 3.64 -15.47 -10.23
C ILE A 135 3.77 -14.13 -9.47
N PHE A 136 3.52 -13.05 -10.20
CA PHE A 136 3.57 -11.70 -9.69
C PHE A 136 2.74 -11.66 -8.41
N ASN A 137 1.48 -12.09 -8.56
CA ASN A 137 0.51 -12.10 -7.48
C ASN A 137 0.98 -12.97 -6.30
N GLU A 138 1.45 -14.18 -6.62
CA GLU A 138 1.87 -15.09 -5.58
C GLU A 138 3.02 -14.59 -4.71
N GLU A 139 4.09 -14.10 -5.34
CA GLU A 139 5.22 -13.67 -4.55
C GLU A 139 4.98 -12.36 -3.78
N LEU A 140 4.14 -11.47 -4.31
CA LEU A 140 3.80 -10.23 -3.60
C LEU A 140 2.96 -10.67 -2.39
N ILE A 141 2.06 -11.64 -2.61
CA ILE A 141 1.31 -12.14 -1.46
C ILE A 141 2.30 -12.69 -0.42
N ASN A 142 3.33 -13.43 -0.86
CA ASN A 142 4.28 -14.01 0.09
C ASN A 142 5.10 -12.92 0.79
N LEU A 143 5.50 -11.92 0.03
CA LEU A 143 6.25 -10.82 0.60
C LEU A 143 5.44 -10.20 1.75
N HIS A 144 4.15 -9.92 1.54
CA HIS A 144 3.37 -9.31 2.60
C HIS A 144 3.12 -10.24 3.81
N ARG A 145 3.01 -11.54 3.55
CA ARG A 145 2.81 -12.48 4.65
C ARG A 145 4.04 -12.43 5.53
N GLY A 146 5.21 -12.55 4.91
CA GLY A 146 6.49 -12.51 5.62
C GLY A 146 6.67 -11.21 6.45
N GLN A 147 6.48 -10.06 5.79
CA GLN A 147 6.61 -8.77 6.44
C GLN A 147 5.58 -8.60 7.58
N GLY A 148 4.37 -9.09 7.37
CA GLY A 148 3.32 -9.00 8.35
C GLY A 148 3.68 -9.70 9.65
N LEU A 149 4.28 -10.87 9.54
CA LEU A 149 4.74 -11.59 10.74
C LEU A 149 5.88 -10.88 11.43
N ASP A 150 6.86 -10.46 10.63
CA ASP A 150 8.04 -9.77 11.16
C ASP A 150 7.60 -8.53 11.97
N ILE A 151 6.71 -7.75 11.36
CA ILE A 151 6.18 -6.55 12.00
C ILE A 151 5.36 -6.89 13.26
N TYR A 152 4.51 -7.90 13.16
CA TYR A 152 3.70 -8.27 14.31
C TYR A 152 4.58 -8.72 15.47
N TRP A 153 5.52 -9.65 15.22
CA TRP A 153 6.38 -10.08 16.32
C TRP A 153 7.06 -8.90 16.95
N ARG A 154 7.55 -7.98 16.13
CA ARG A 154 8.26 -6.83 16.67
C ARG A 154 7.35 -5.83 17.43
N ASP A 155 6.22 -5.48 16.86
CA ASP A 155 5.34 -4.52 17.50
C ASP A 155 4.49 -5.03 18.66
N PHE A 156 4.32 -6.34 18.78
CA PHE A 156 3.54 -6.92 19.88
C PHE A 156 4.38 -7.71 20.87
N LEU A 157 5.69 -7.59 20.75
CA LEU A 157 6.61 -8.27 21.64
C LEU A 157 6.22 -7.81 23.07
N PRO A 158 6.21 -8.74 24.05
CA PRO A 158 6.53 -10.18 24.01
C PRO A 158 5.42 -11.19 23.73
N GLU A 159 4.33 -10.78 23.11
CA GLU A 159 3.22 -11.70 22.82
C GLU A 159 3.70 -12.99 22.12
N ILE A 160 4.66 -12.87 21.21
CA ILE A 160 5.15 -14.05 20.53
C ILE A 160 6.65 -14.02 20.43
N ILE A 161 7.29 -15.08 20.95
CA ILE A 161 8.72 -15.19 20.87
C ILE A 161 8.84 -16.28 19.82
N PRO A 162 9.27 -15.90 18.60
CA PRO A 162 9.40 -16.91 17.54
C PRO A 162 10.58 -17.83 17.73
N THR A 163 10.45 -19.05 17.24
CA THR A 163 11.55 -19.98 17.31
C THR A 163 12.38 -19.74 16.05
N GLN A 164 13.47 -20.46 15.96
CA GLN A 164 14.33 -20.39 14.79
C GLN A 164 13.53 -20.88 13.58
N GLU A 165 12.69 -21.91 13.78
CA GLU A 165 11.86 -22.44 12.69
C GLU A 165 10.84 -21.38 12.19
N MET A 166 10.19 -20.72 13.13
CA MET A 166 9.26 -19.67 12.74
C MET A 166 9.99 -18.56 11.97
N TYR A 167 11.11 -18.12 12.49
CA TYR A 167 11.91 -17.07 11.87
C TYR A 167 12.24 -17.42 10.43
N LEU A 168 12.74 -18.64 10.21
CA LEU A 168 13.09 -19.14 8.85
C LEU A 168 11.84 -19.23 7.93
N ASN A 169 10.67 -19.60 8.45
CA ASN A 169 9.46 -19.61 7.60
C ASN A 169 9.10 -18.17 7.19
N MET A 170 9.23 -17.23 8.13
CA MET A 170 8.95 -15.82 7.87
C MET A 170 9.92 -15.31 6.79
N VAL A 171 11.20 -15.64 6.92
CA VAL A 171 12.17 -15.20 5.89
C VAL A 171 11.90 -15.78 4.48
N MET A 172 11.52 -17.06 4.41
CA MET A 172 11.18 -17.73 3.13
C MET A 172 10.08 -16.90 2.44
N ASN A 173 9.13 -16.44 3.23
CA ASN A 173 8.06 -15.59 2.72
C ASN A 173 8.54 -14.18 2.41
N LYS A 174 9.12 -13.53 3.44
CA LYS A 174 9.53 -12.13 3.33
C LYS A 174 10.67 -11.81 2.40
N THR A 175 11.80 -12.44 2.63
CA THR A 175 12.93 -12.17 1.80
C THR A 175 12.90 -13.02 0.50
N GLY A 176 12.53 -14.29 0.59
CA GLY A 176 12.46 -15.11 -0.61
C GLY A 176 11.50 -14.59 -1.69
N GLY A 177 10.51 -13.80 -1.28
CA GLY A 177 9.52 -13.26 -2.18
C GLY A 177 10.06 -12.62 -3.45
N LEU A 178 10.84 -11.53 -3.31
CA LEU A 178 11.40 -10.86 -4.47
C LEU A 178 12.46 -11.71 -5.16
N PHE A 179 13.18 -12.55 -4.41
CA PHE A 179 14.16 -13.45 -5.03
C PHE A 179 13.40 -14.43 -5.92
N ARG A 180 12.36 -15.09 -5.40
CA ARG A 180 11.60 -16.04 -6.21
C ARG A 180 10.85 -15.32 -7.31
N LEU A 181 10.35 -14.12 -7.04
CA LEU A 181 9.60 -13.47 -8.08
C LEU A 181 10.52 -13.25 -9.30
N THR A 182 11.72 -12.73 -9.06
CA THR A 182 12.64 -12.47 -10.14
C THR A 182 12.96 -13.77 -10.91
N LEU A 183 13.35 -14.81 -10.17
CA LEU A 183 13.68 -16.06 -10.83
C LEU A 183 12.48 -16.71 -11.51
N ARG A 184 11.36 -16.85 -10.82
CA ARG A 184 10.23 -17.51 -11.46
C ARG A 184 9.77 -16.83 -12.77
N LEU A 185 9.73 -15.50 -12.80
CA LEU A 185 9.32 -14.80 -14.02
C LEU A 185 10.29 -15.20 -15.13
N MET A 186 11.58 -15.20 -14.81
CA MET A 186 12.62 -15.58 -15.77
C MET A 186 12.49 -17.03 -16.24
N GLU A 187 12.19 -17.94 -15.32
CA GLU A 187 12.04 -19.33 -15.68
C GLU A 187 10.80 -19.58 -16.52
N ALA A 188 9.81 -18.71 -16.43
CA ALA A 188 8.60 -18.89 -17.23
C ALA A 188 8.86 -18.30 -18.59
N LEU A 189 9.84 -17.42 -18.69
CA LEU A 189 10.13 -16.80 -19.95
C LEU A 189 11.19 -17.54 -20.75
N SER A 190 11.99 -18.36 -20.05
CA SER A 190 13.07 -19.11 -20.67
C SER A 190 12.69 -19.93 -21.88
N PRO A 191 13.49 -19.84 -22.96
CA PRO A 191 13.29 -20.58 -24.22
C PRO A 191 14.12 -21.89 -24.22
N SER A 192 14.62 -22.24 -23.03
CA SER A 192 15.44 -23.42 -22.78
C SER A 192 15.09 -24.75 -23.45
N SER A 193 14.67 -25.68 -22.58
CA SER A 193 14.27 -27.05 -22.90
C SER A 193 14.81 -27.85 -21.74
N GLY A 196 12.40 -31.45 -15.43
CA GLY A 196 13.70 -30.94 -14.90
C GLY A 196 13.41 -30.06 -13.71
N HIS A 197 14.45 -29.42 -13.16
CA HIS A 197 14.20 -28.55 -12.02
C HIS A 197 14.68 -27.11 -12.15
N SER A 198 14.15 -26.30 -11.25
CA SER A 198 14.38 -24.87 -11.17
C SER A 198 15.54 -24.47 -10.25
N LEU A 199 15.81 -23.18 -10.23
CA LEU A 199 16.81 -22.61 -9.35
C LEU A 199 16.10 -21.95 -8.15
N VAL A 200 14.82 -22.30 -7.96
CA VAL A 200 14.02 -21.79 -6.87
C VAL A 200 14.65 -22.19 -5.53
N PRO A 201 14.87 -23.50 -5.30
CA PRO A 201 15.49 -23.94 -4.03
C PRO A 201 16.79 -23.18 -3.80
N PHE A 202 17.58 -23.03 -4.86
CA PHE A 202 18.82 -22.29 -4.75
C PHE A 202 18.58 -20.82 -4.36
N ILE A 203 17.65 -20.16 -5.05
CA ILE A 203 17.34 -18.78 -4.79
C ILE A 203 16.77 -18.62 -3.37
N ASN A 204 16.05 -19.64 -2.88
CA ASN A 204 15.47 -19.64 -1.53
C ASN A 204 16.60 -19.61 -0.52
N LEU A 205 17.65 -20.39 -0.81
CA LEU A 205 18.78 -20.47 0.10
C LEU A 205 19.59 -19.19 0.04
N LEU A 206 19.68 -18.63 -1.14
CA LEU A 206 20.41 -17.38 -1.26
C LEU A 206 19.71 -16.31 -0.43
N GLY A 207 18.38 -16.35 -0.47
CA GLY A 207 17.56 -15.39 0.27
C GLY A 207 17.77 -15.50 1.78
N ILE A 208 17.77 -16.73 2.27
CA ILE A 208 17.97 -16.96 3.69
C ILE A 208 19.40 -16.54 4.09
N ILE A 209 20.40 -16.89 3.31
CA ILE A 209 21.74 -16.47 3.66
C ILE A 209 21.83 -14.94 3.62
N TYR A 210 21.14 -14.34 2.64
CA TYR A 210 21.17 -12.91 2.53
C TYR A 210 20.63 -12.26 3.81
N GLN A 211 19.46 -12.72 4.27
CA GLN A 211 18.81 -12.15 5.44
C GLN A 211 19.52 -12.40 6.78
N ILE A 212 19.97 -13.62 7.03
CA ILE A 212 20.66 -13.89 8.27
C ILE A 212 22.03 -13.12 8.35
N ARG A 213 22.70 -13.02 7.22
CA ARG A 213 23.96 -12.30 7.13
C ARG A 213 23.73 -10.80 7.38
N ASP A 214 22.62 -10.31 6.84
CA ASP A 214 22.27 -8.91 7.01
C ASP A 214 22.03 -8.67 8.54
N ASP A 215 21.28 -9.61 9.17
CA ASP A 215 20.94 -9.48 10.58
C ASP A 215 22.22 -9.45 11.38
N TYR A 216 23.11 -10.35 10.99
CA TYR A 216 24.38 -10.52 11.67
C TYR A 216 25.30 -9.31 11.59
N LEU A 217 25.51 -8.79 10.38
CA LEU A 217 26.40 -7.69 10.19
C LEU A 217 25.90 -6.42 10.77
N ASN A 218 24.58 -6.31 10.92
CA ASN A 218 24.02 -5.12 11.50
C ASN A 218 24.54 -4.98 12.91
N LEU A 219 24.67 -6.09 13.63
CA LEU A 219 25.23 -6.06 14.99
C LEU A 219 26.77 -6.10 15.00
N LYS A 220 27.33 -6.99 14.19
CA LYS A 220 28.79 -7.17 14.10
C LYS A 220 29.53 -5.88 13.67
N ASP A 221 29.01 -5.19 12.64
CA ASP A 221 29.62 -3.94 12.21
C ASP A 221 29.66 -2.90 13.33
N PHE A 222 28.58 -2.80 14.12
CA PHE A 222 28.49 -1.86 15.23
C PHE A 222 29.43 -2.29 16.35
N GLN A 223 29.44 -3.59 16.64
CA GLN A 223 30.30 -4.08 17.69
C GLN A 223 31.76 -3.78 17.38
N MET A 224 32.13 -3.86 16.11
CA MET A 224 33.50 -3.59 15.70
C MET A 224 33.75 -2.09 15.57
N SER A 225 32.76 -1.36 15.09
CA SER A 225 32.92 0.08 14.93
C SER A 225 31.59 0.83 15.00
N SER A 226 31.51 1.80 15.90
CA SER A 226 30.29 2.58 16.06
C SER A 226 30.07 3.49 14.85
N GLU A 227 31.13 3.74 14.10
CA GLU A 227 31.00 4.55 12.89
C GLU A 227 31.07 3.68 11.63
N LYS A 228 30.92 2.37 11.82
CA LYS A 228 30.89 1.41 10.71
C LYS A 228 29.41 1.14 10.41
N GLY A 229 28.59 1.22 11.48
CA GLY A 229 27.15 1.01 11.36
C GLY A 229 26.44 1.59 12.58
N PHE A 230 25.11 1.54 12.60
CA PHE A 230 24.35 2.07 13.73
C PHE A 230 23.62 0.99 14.55
N ALA A 231 23.65 -0.26 14.10
CA ALA A 231 22.93 -1.36 14.76
C ALA A 231 21.46 -0.94 14.88
N GLU A 232 20.93 -0.32 13.84
CA GLU A 232 19.54 0.16 13.84
C GLU A 232 18.51 -0.98 13.99
N ASP A 233 18.92 -2.23 13.80
CA ASP A 233 17.94 -3.32 13.99
C ASP A 233 17.54 -3.34 15.49
N ILE A 234 18.44 -2.94 16.38
CA ILE A 234 18.09 -2.94 17.79
C ILE A 234 17.11 -1.79 18.09
N THR A 235 17.39 -0.63 17.53
CA THR A 235 16.55 0.55 17.72
C THR A 235 15.13 0.23 17.25
N GLU A 236 15.08 -0.62 16.22
CA GLU A 236 13.81 -1.04 15.64
C GLU A 236 13.11 -2.12 16.43
N GLY A 237 13.86 -2.86 17.26
CA GLY A 237 13.24 -3.91 18.08
C GLY A 237 12.97 -5.21 17.33
N LYS A 238 13.62 -5.33 16.19
CA LYS A 238 13.53 -6.48 15.29
C LYS A 238 13.86 -7.85 15.92
N LEU A 239 13.07 -8.87 15.57
CA LEU A 239 13.35 -10.20 16.04
C LEU A 239 14.31 -10.81 15.00
N SER A 240 15.55 -10.33 15.00
CA SER A 240 16.60 -10.79 14.08
C SER A 240 17.01 -12.23 14.40
N PHE A 241 17.78 -12.85 13.49
CA PHE A 241 18.25 -14.24 13.71
C PHE A 241 19.04 -14.37 15.03
N PRO A 242 20.02 -13.47 15.27
CA PRO A 242 20.80 -13.55 16.52
C PRO A 242 19.91 -13.32 17.77
N ILE A 243 18.93 -12.42 17.66
CA ILE A 243 18.02 -12.12 18.76
C ILE A 243 17.11 -13.31 19.05
N VAL A 244 16.56 -13.89 17.99
CA VAL A 244 15.72 -15.11 18.12
C VAL A 244 16.54 -16.20 18.81
N HIS A 245 17.80 -16.43 18.41
CA HIS A 245 18.61 -17.44 19.09
C HIS A 245 18.79 -17.06 20.60
N ALA A 246 19.10 -15.79 20.89
CA ALA A 246 19.34 -15.37 22.27
C ALA A 246 18.08 -15.54 23.13
N LEU A 247 16.93 -15.11 22.61
CA LEU A 247 15.69 -15.25 23.37
C LEU A 247 15.36 -16.74 23.68
N ASN A 248 15.53 -17.63 22.71
CA ASN A 248 15.26 -19.07 22.96
C ASN A 248 16.35 -19.74 23.82
N PHE A 249 17.60 -19.37 23.61
CA PHE A 249 18.68 -19.93 24.43
C PHE A 249 18.42 -19.59 25.90
N THR A 250 18.23 -18.30 26.18
CA THR A 250 18.00 -17.80 27.54
C THR A 250 16.82 -18.49 28.21
N LYS A 251 15.69 -18.58 27.50
CA LYS A 251 14.52 -19.25 28.05
C LYS A 251 14.88 -20.71 28.38
N THR A 252 15.50 -21.39 27.42
CA THR A 252 15.90 -22.78 27.58
C THR A 252 16.85 -23.03 28.73
N LYS A 253 17.87 -22.19 28.88
CA LYS A 253 18.83 -22.34 29.97
C LYS A 253 18.35 -21.75 31.28
N GLY A 254 17.12 -21.25 31.31
CA GLY A 254 16.62 -20.66 32.52
C GLY A 254 17.22 -19.30 32.89
N GLN A 255 17.81 -18.58 31.94
CA GLN A 255 18.39 -17.26 32.23
C GLN A 255 17.28 -16.23 32.16
N THR A 256 16.47 -16.21 33.22
CA THR A 256 15.32 -15.31 33.30
C THR A 256 15.64 -13.84 33.19
N GLU A 257 16.64 -13.40 33.95
CA GLU A 257 17.03 -11.99 33.97
C GLU A 257 17.49 -11.54 32.57
N GLN A 258 18.37 -12.32 31.97
CA GLN A 258 18.90 -12.00 30.65
C GLN A 258 17.81 -11.97 29.57
N HIS A 259 16.93 -12.98 29.59
CA HIS A 259 15.84 -13.09 28.63
C HIS A 259 15.02 -11.79 28.68
N ASN A 260 14.67 -11.42 29.91
CA ASN A 260 13.90 -10.21 30.16
C ASN A 260 14.65 -8.91 29.80
N GLU A 261 15.95 -8.85 30.06
CA GLU A 261 16.70 -7.64 29.71
C GLU A 261 16.77 -7.51 28.17
N ILE A 262 16.87 -8.66 27.48
CA ILE A 262 16.90 -8.63 26.03
C ILE A 262 15.59 -7.98 25.54
N LEU A 263 14.46 -8.43 26.08
CA LEU A 263 13.15 -7.89 25.70
C LEU A 263 12.99 -6.40 26.00
N ARG A 264 13.45 -6.02 27.20
CA ARG A 264 13.33 -4.64 27.64
C ARG A 264 14.11 -3.68 26.73
N ILE A 265 15.33 -4.06 26.36
CA ILE A 265 16.12 -3.19 25.49
C ILE A 265 15.42 -3.10 24.13
N LEU A 266 14.95 -4.24 23.59
CA LEU A 266 14.24 -4.20 22.33
C LEU A 266 13.03 -3.26 22.38
N LEU A 267 12.30 -3.33 23.48
CA LEU A 267 11.09 -2.52 23.64
C LEU A 267 11.36 -1.05 23.87
N LEU A 268 12.61 -0.71 24.21
CA LEU A 268 12.95 0.72 24.38
C LEU A 268 12.99 1.51 23.04
N ARG A 269 13.26 0.85 21.91
CA ARG A 269 13.39 1.53 20.63
C ARG A 269 14.42 2.63 20.87
N THR A 270 15.54 2.24 21.45
CA THR A 270 16.60 3.18 21.80
C THR A 270 17.71 3.35 20.75
N SER A 271 18.27 4.55 20.72
CA SER A 271 19.35 4.88 19.83
C SER A 271 20.57 5.11 20.72
N ASP A 272 20.47 4.87 22.02
CA ASP A 272 21.64 5.06 22.88
C ASP A 272 22.67 3.97 22.51
N LYS A 273 23.86 4.39 22.11
CA LYS A 273 24.95 3.49 21.67
C LYS A 273 25.42 2.50 22.74
N ASP A 274 25.50 2.95 23.97
CA ASP A 274 25.94 2.08 25.05
C ASP A 274 24.94 1.01 25.35
N ILE A 275 23.67 1.38 25.33
CA ILE A 275 22.62 0.37 25.60
C ILE A 275 22.65 -0.66 24.47
N LYS A 276 22.82 -0.20 23.24
CA LYS A 276 22.88 -1.16 22.14
C LYS A 276 24.11 -2.05 22.24
N LEU A 277 25.25 -1.47 22.63
CA LEU A 277 26.48 -2.25 22.74
C LEU A 277 26.35 -3.29 23.86
N LYS A 278 25.66 -2.91 24.94
CA LYS A 278 25.42 -3.86 26.04
C LYS A 278 24.64 -5.09 25.53
N LEU A 279 23.57 -4.84 24.75
CA LEU A 279 22.74 -5.94 24.21
C LEU A 279 23.61 -6.85 23.31
N ILE A 280 24.40 -6.23 22.45
CA ILE A 280 25.28 -6.97 21.58
C ILE A 280 26.29 -7.79 22.41
N GLN A 281 26.89 -7.19 23.45
CA GLN A 281 27.86 -7.98 24.23
C GLN A 281 27.14 -9.08 25.01
N ILE A 282 25.86 -8.88 25.30
CA ILE A 282 25.07 -9.94 25.91
C ILE A 282 25.03 -11.12 24.89
N LEU A 283 24.72 -10.80 23.62
CA LEU A 283 24.69 -11.85 22.58
C LEU A 283 26.10 -12.45 22.31
N GLU A 284 27.14 -11.66 22.53
CA GLU A 284 28.53 -12.13 22.32
C GLU A 284 29.00 -13.12 23.37
N PHE A 285 28.94 -12.72 24.64
CA PHE A 285 29.44 -13.50 25.78
C PHE A 285 28.49 -14.38 26.58
N ASP A 286 27.23 -14.00 26.65
CA ASP A 286 26.28 -14.73 27.45
C ASP A 286 25.48 -15.81 26.70
N THR A 287 24.88 -15.44 25.57
CA THR A 287 24.11 -16.40 24.81
C THR A 287 24.94 -17.01 23.70
N ASN A 288 26.04 -16.35 23.37
CA ASN A 288 26.94 -16.79 22.30
C ASN A 288 26.19 -16.91 20.98
N SER A 289 25.25 -15.98 20.83
CA SER A 289 24.41 -15.92 19.64
C SER A 289 25.19 -15.46 18.40
N LEU A 290 26.17 -14.58 18.59
CA LEU A 290 26.93 -14.09 17.43
C LEU A 290 27.75 -15.24 16.77
N ALA A 291 28.46 -16.03 17.57
CA ALA A 291 29.24 -17.15 17.06
C ALA A 291 28.28 -18.17 16.43
N TYR A 292 27.16 -18.43 17.11
CA TYR A 292 26.15 -19.33 16.61
C TYR A 292 25.66 -18.92 15.24
N THR A 293 25.46 -17.61 15.06
CA THR A 293 24.94 -17.10 13.81
C THR A 293 26.01 -17.18 12.73
N LYS A 294 27.22 -16.78 13.09
CA LYS A 294 28.39 -16.86 12.19
C LYS A 294 28.53 -18.31 11.65
N ASN A 295 28.48 -19.30 12.55
CA ASN A 295 28.60 -20.69 12.16
C ASN A 295 27.43 -21.14 11.29
N PHE A 296 26.22 -20.73 11.65
CA PHE A 296 25.01 -21.07 10.89
C PHE A 296 25.12 -20.47 9.46
N ILE A 297 25.61 -19.25 9.33
CA ILE A 297 25.77 -18.66 8.01
C ILE A 297 26.76 -19.54 7.18
N ASN A 298 27.93 -19.81 7.75
CA ASN A 298 28.96 -20.65 7.12
C ASN A 298 28.40 -22.02 6.64
N GLN A 299 27.66 -22.69 7.50
CA GLN A 299 27.08 -23.97 7.14
C GLN A 299 26.18 -23.75 5.93
N LEU A 300 25.34 -22.73 5.99
CA LEU A 300 24.47 -22.44 4.86
C LEU A 300 25.26 -22.26 3.56
N VAL A 301 26.33 -21.48 3.65
CA VAL A 301 27.20 -21.17 2.54
C VAL A 301 27.90 -22.44 2.03
N ASN A 302 28.23 -23.36 2.95
CA ASN A 302 28.88 -24.58 2.56
C ASN A 302 27.91 -25.46 1.79
N MET A 303 26.63 -25.37 2.11
CA MET A 303 25.62 -26.17 1.41
C MET A 303 25.54 -25.82 -0.07
N ILE A 304 26.06 -24.65 -0.43
CA ILE A 304 26.05 -24.23 -1.83
C ILE A 304 27.38 -24.53 -2.48
N LYS A 305 28.46 -24.04 -1.88
CA LYS A 305 29.78 -24.30 -2.41
C LYS A 305 30.15 -25.79 -2.37
N ASN A 306 29.29 -26.63 -1.79
CA ASN A 306 29.57 -28.07 -1.69
C ASN A 306 28.54 -28.93 -2.41
N LYS B 3 26.51 -31.46 10.99
CA LYS B 3 25.95 -30.38 10.13
C LYS B 3 24.89 -30.94 9.18
N ASN B 4 24.59 -32.23 9.32
CA ASN B 4 23.61 -32.89 8.45
C ASN B 4 22.14 -32.83 8.87
N LYS B 5 21.87 -32.75 10.17
CA LYS B 5 20.48 -32.67 10.65
C LYS B 5 19.99 -31.27 10.32
N MET B 6 20.93 -30.33 10.33
CA MET B 6 20.68 -28.94 10.02
C MET B 6 20.61 -28.78 8.49
N GLU B 7 21.51 -29.45 7.78
CA GLU B 7 21.49 -29.43 6.31
C GLU B 7 20.16 -30.02 5.83
N ALA B 8 19.77 -31.12 6.46
CA ALA B 8 18.53 -31.80 6.12
C ALA B 8 17.32 -30.87 6.21
N LYS B 9 17.13 -30.23 7.36
CA LYS B 9 15.99 -29.32 7.56
C LYS B 9 15.99 -28.10 6.65
N ILE B 10 17.15 -27.61 6.26
CA ILE B 10 17.21 -26.47 5.37
C ILE B 10 16.78 -26.98 3.99
N ASP B 11 17.31 -28.13 3.58
CA ASP B 11 16.94 -28.75 2.31
C ASP B 11 15.43 -28.94 2.24
N GLU B 12 14.85 -29.41 3.32
CA GLU B 12 13.40 -29.58 3.33
C GLU B 12 12.72 -28.19 3.13
N LEU B 13 13.25 -27.16 3.81
CA LEU B 13 12.71 -25.78 3.75
C LEU B 13 12.70 -25.15 2.37
N ILE B 14 13.87 -25.13 1.75
CA ILE B 14 14.05 -24.50 0.46
C ILE B 14 13.42 -25.24 -0.74
N ASN B 15 13.04 -26.51 -0.56
CA ASN B 15 12.40 -27.30 -1.61
C ASN B 15 10.90 -27.33 -1.51
N ASN B 16 10.37 -26.65 -0.51
CA ASN B 16 8.94 -26.58 -0.33
C ASN B 16 8.44 -25.16 -0.50
N ASP B 17 7.13 -25.04 -0.68
CA ASP B 17 6.50 -23.74 -0.80
C ASP B 17 6.67 -23.14 0.60
N PRO B 18 6.73 -21.80 0.70
CA PRO B 18 6.88 -21.17 2.02
C PRO B 18 5.74 -21.54 2.96
N VAL B 19 6.07 -21.84 4.21
CA VAL B 19 5.11 -22.22 5.22
C VAL B 19 4.24 -21.04 5.67
N TRP B 20 2.92 -21.22 5.62
CA TRP B 20 1.99 -20.21 6.03
C TRP B 20 0.72 -20.92 6.53
N SER B 21 0.42 -20.74 7.81
CA SER B 21 -0.72 -21.36 8.50
C SER B 21 -1.93 -20.45 8.65
N SER B 22 -3.06 -21.03 9.07
CA SER B 22 -4.27 -20.25 9.22
C SER B 22 -4.17 -19.35 10.44
N GLN B 23 -3.25 -19.67 11.34
CA GLN B 23 -3.02 -18.83 12.51
C GLN B 23 -2.24 -17.58 12.04
N ASN B 24 -1.29 -17.78 11.14
CA ASN B 24 -0.50 -16.69 10.59
C ASN B 24 -1.48 -15.78 9.81
N GLU B 25 -2.41 -16.42 9.08
CA GLU B 25 -3.40 -15.68 8.30
C GLU B 25 -4.27 -14.86 9.24
N SER B 26 -4.52 -15.40 10.43
CA SER B 26 -5.33 -14.69 11.41
C SER B 26 -4.62 -13.53 12.02
N LEU B 27 -3.33 -13.68 12.28
CA LEU B 27 -2.55 -12.60 12.87
C LEU B 27 -2.58 -11.38 11.96
N ILE B 28 -2.26 -11.62 10.71
CA ILE B 28 -2.18 -10.63 9.66
C ILE B 28 -3.48 -9.95 9.26
N SER B 29 -4.61 -10.62 9.50
CA SER B 29 -5.91 -10.09 9.13
C SER B 29 -6.55 -9.22 10.19
N LYS B 30 -5.98 -9.23 11.38
CA LYS B 30 -6.56 -8.44 12.47
C LYS B 30 -6.90 -6.98 12.17
N PRO B 31 -6.04 -6.27 11.44
CA PRO B 31 -6.42 -4.86 11.19
C PRO B 31 -7.56 -4.74 10.18
N TYR B 32 -7.67 -5.70 9.27
CA TYR B 32 -8.72 -5.71 8.27
C TYR B 32 -10.06 -6.10 8.94
N ASN B 33 -10.00 -7.12 9.79
CA ASN B 33 -11.20 -7.60 10.44
C ASN B 33 -11.75 -6.55 11.34
N HIS B 34 -10.88 -5.75 11.91
CA HIS B 34 -11.36 -4.72 12.79
C HIS B 34 -12.30 -3.71 12.11
N ILE B 35 -12.04 -3.40 10.85
CA ILE B 35 -12.85 -2.43 10.15
C ILE B 35 -14.10 -3.07 9.56
N LEU B 36 -14.15 -4.39 9.62
CA LEU B 36 -15.31 -5.14 9.14
C LEU B 36 -16.52 -4.90 10.04
N LEU B 37 -16.28 -4.67 11.33
CA LEU B 37 -17.36 -4.41 12.28
C LEU B 37 -18.04 -3.10 11.90
N LYS B 38 -17.83 -2.67 10.65
CA LYS B 38 -18.38 -1.42 10.14
C LYS B 38 -19.58 -1.66 9.21
N PRO B 39 -20.73 -1.08 9.55
CA PRO B 39 -21.91 -1.26 8.71
C PRO B 39 -21.77 -0.45 7.40
N GLY B 40 -22.68 -0.69 6.45
CA GLY B 40 -22.65 -0.01 5.17
C GLY B 40 -22.44 -0.96 4.01
N LYS B 41 -21.90 -2.13 4.33
CA LYS B 41 -21.62 -3.17 3.34
C LYS B 41 -22.82 -3.48 2.48
N ASN B 42 -24.01 -3.32 3.05
CA ASN B 42 -25.24 -3.61 2.32
C ASN B 42 -25.60 -2.60 1.23
N PHE B 43 -25.25 -1.34 1.42
CA PHE B 43 -25.56 -0.32 0.41
C PHE B 43 -24.59 -0.43 -0.76
N ARG B 44 -23.42 -0.98 -0.49
CA ARG B 44 -22.40 -1.17 -1.50
C ARG B 44 -22.77 -2.44 -2.28
N LEU B 45 -23.36 -3.41 -1.59
CA LEU B 45 -23.77 -4.67 -2.23
C LEU B 45 -25.11 -4.41 -2.92
N ASN B 46 -25.87 -3.47 -2.38
CA ASN B 46 -27.16 -3.10 -2.95
C ASN B 46 -26.90 -2.53 -4.33
N LEU B 47 -26.00 -1.57 -4.40
CA LEU B 47 -25.65 -0.96 -5.67
C LEU B 47 -25.22 -2.09 -6.62
N ILE B 48 -24.50 -3.07 -6.10
CA ILE B 48 -24.04 -4.21 -6.91
C ILE B 48 -25.23 -5.03 -7.43
N VAL B 49 -26.14 -5.37 -6.53
CA VAL B 49 -27.33 -6.14 -6.91
C VAL B 49 -28.22 -5.33 -7.85
N GLN B 50 -28.45 -4.06 -7.51
CA GLN B 50 -29.27 -3.22 -8.37
C GLN B 50 -28.67 -3.13 -9.76
N ILE B 51 -27.38 -2.86 -9.86
CA ILE B 51 -26.73 -2.78 -11.16
C ILE B 51 -26.83 -4.11 -11.92
N ASN B 52 -26.80 -5.22 -11.19
CA ASN B 52 -26.87 -6.54 -11.81
C ASN B 52 -28.16 -6.81 -12.60
N ARG B 53 -29.12 -5.91 -12.53
CA ARG B 53 -30.37 -6.08 -13.25
C ARG B 53 -30.12 -5.83 -14.74
N VAL B 54 -29.04 -5.13 -15.04
CA VAL B 54 -28.66 -4.85 -16.42
C VAL B 54 -27.52 -5.78 -16.82
N MET B 55 -26.81 -6.29 -15.82
CA MET B 55 -25.66 -7.14 -16.10
C MET B 55 -25.99 -8.63 -16.06
N ASN B 56 -26.82 -9.00 -15.08
CA ASN B 56 -27.25 -10.39 -14.93
C ASN B 56 -26.12 -11.39 -14.95
N LEU B 57 -25.18 -11.23 -14.01
CA LEU B 57 -24.06 -12.15 -13.88
C LEU B 57 -24.58 -13.29 -13.03
N PRO B 58 -24.07 -14.52 -13.23
CA PRO B 58 -24.54 -15.64 -12.42
C PRO B 58 -24.12 -15.42 -10.98
N LYS B 59 -25.09 -15.45 -10.07
CA LYS B 59 -24.85 -15.26 -8.65
C LYS B 59 -23.46 -15.62 -8.13
N ASP B 60 -22.92 -16.75 -8.56
CA ASP B 60 -21.61 -17.19 -8.10
C ASP B 60 -20.48 -16.23 -8.52
N GLN B 61 -20.67 -15.61 -9.68
CA GLN B 61 -19.68 -14.68 -10.20
C GLN B 61 -19.90 -13.34 -9.50
N LEU B 62 -21.15 -13.08 -9.16
CA LEU B 62 -21.52 -11.85 -8.48
C LEU B 62 -20.94 -11.81 -7.05
N ALA B 63 -20.80 -12.98 -6.43
CA ALA B 63 -20.25 -13.07 -5.08
C ALA B 63 -18.76 -12.70 -5.09
N ILE B 64 -18.05 -13.20 -6.10
CA ILE B 64 -16.63 -12.91 -6.25
C ILE B 64 -16.38 -11.44 -6.52
N VAL B 65 -17.16 -10.83 -7.40
CA VAL B 65 -17.00 -9.40 -7.69
C VAL B 65 -17.27 -8.64 -6.39
N SER B 66 -18.32 -9.03 -5.70
CA SER B 66 -18.65 -8.38 -4.45
C SER B 66 -17.50 -8.51 -3.45
N GLN B 67 -16.84 -9.67 -3.41
CA GLN B 67 -15.71 -9.85 -2.50
C GLN B 67 -14.50 -8.99 -2.89
N ILE B 68 -14.21 -8.90 -4.19
CA ILE B 68 -13.12 -8.08 -4.71
C ILE B 68 -13.36 -6.63 -4.27
N VAL B 69 -14.61 -6.21 -4.44
CA VAL B 69 -15.06 -4.89 -4.07
C VAL B 69 -14.90 -4.63 -2.56
N GLU B 70 -15.36 -5.53 -1.70
CA GLU B 70 -15.22 -5.31 -0.26
C GLU B 70 -13.76 -5.17 0.17
N LEU B 71 -12.91 -6.08 -0.32
CA LEU B 71 -11.49 -6.04 -0.01
C LEU B 71 -10.83 -4.71 -0.39
N LEU B 72 -11.07 -4.24 -1.62
CA LEU B 72 -10.44 -3.02 -2.09
C LEU B 72 -10.94 -1.80 -1.33
N HIS B 73 -12.24 -1.77 -1.08
CA HIS B 73 -12.84 -0.67 -0.35
C HIS B 73 -12.35 -0.64 1.11
N ASN B 74 -12.41 -1.76 1.81
CA ASN B 74 -11.96 -1.74 3.18
C ASN B 74 -10.44 -1.43 3.31
N SER B 75 -9.62 -2.02 2.45
CA SER B 75 -8.18 -1.78 2.46
C SER B 75 -7.88 -0.31 2.17
N SER B 76 -8.59 0.25 1.20
CA SER B 76 -8.38 1.63 0.84
C SER B 76 -8.78 2.52 2.02
N LEU B 77 -9.80 2.13 2.78
CA LEU B 77 -10.16 2.96 3.95
C LEU B 77 -9.12 2.90 5.08
N LEU B 78 -8.50 1.73 5.27
CA LEU B 78 -7.47 1.57 6.31
C LEU B 78 -6.30 2.46 5.94
N ILE B 79 -5.95 2.48 4.65
CA ILE B 79 -4.83 3.32 4.18
C ILE B 79 -5.23 4.80 4.24
N ASP B 80 -6.45 5.09 3.83
CA ASP B 80 -6.97 6.45 3.87
C ASP B 80 -6.90 7.06 5.27
N ASP B 81 -7.27 6.26 6.29
CA ASP B 81 -7.25 6.73 7.66
C ASP B 81 -5.84 7.03 8.15
N ILE B 82 -4.84 6.21 7.75
CA ILE B 82 -3.43 6.49 8.12
C ILE B 82 -2.99 7.82 7.42
N GLU B 83 -3.33 7.93 6.13
CA GLU B 83 -3.01 9.10 5.31
C GLU B 83 -3.61 10.41 5.82
N ASP B 84 -4.77 10.34 6.45
CA ASP B 84 -5.45 11.53 7.00
C ASP B 84 -5.27 11.64 8.51
N ASN B 85 -4.53 10.71 9.08
CA ASN B 85 -4.35 10.73 10.53
C ASN B 85 -5.74 10.78 11.24
N ALA B 86 -6.70 9.99 10.76
CA ALA B 86 -8.04 9.97 11.35
C ALA B 86 -8.08 9.09 12.57
N PRO B 87 -8.67 9.60 13.68
CA PRO B 87 -8.75 8.82 14.91
C PRO B 87 -10.01 7.97 14.91
N LEU B 88 -10.97 8.32 14.07
CA LEU B 88 -12.21 7.58 14.05
C LEU B 88 -12.73 7.23 12.68
N ARG B 89 -13.46 6.13 12.63
CA ARG B 89 -14.07 5.62 11.41
C ARG B 89 -15.37 4.97 11.87
N ARG B 90 -16.49 5.60 11.54
CA ARG B 90 -17.79 5.06 11.91
C ARG B 90 -17.94 4.99 13.42
N GLY B 91 -17.55 6.07 14.09
CA GLY B 91 -17.64 6.16 15.55
C GLY B 91 -16.69 5.27 16.34
N GLN B 92 -15.93 4.46 15.62
CA GLN B 92 -15.01 3.53 16.21
C GLN B 92 -13.54 3.93 15.99
N THR B 93 -12.67 3.54 16.92
CA THR B 93 -11.25 3.85 16.81
C THR B 93 -10.69 3.17 15.56
N THR B 94 -9.91 3.93 14.79
CA THR B 94 -9.32 3.40 13.56
C THR B 94 -8.26 2.32 13.84
N SER B 95 -8.20 1.35 12.95
CA SER B 95 -7.26 0.24 13.11
C SER B 95 -5.81 0.60 13.42
N HIS B 96 -5.28 1.63 12.75
CA HIS B 96 -3.87 1.96 12.95
C HIS B 96 -3.54 2.45 14.33
N LEU B 97 -4.53 3.03 15.03
CA LEU B 97 -4.31 3.49 16.39
C LEU B 97 -4.30 2.25 17.30
N ILE B 98 -4.96 1.18 16.87
CA ILE B 98 -4.98 -0.04 17.67
C ILE B 98 -3.81 -1.00 17.33
N PHE B 99 -3.62 -1.35 16.06
CA PHE B 99 -2.56 -2.29 15.68
C PHE B 99 -1.29 -1.58 15.21
N GLY B 100 -1.32 -0.25 15.20
CA GLY B 100 -0.18 0.51 14.74
C GLY B 100 -0.20 0.75 13.24
N VAL B 101 0.56 1.74 12.78
CA VAL B 101 0.66 2.05 11.39
C VAL B 101 1.32 0.92 10.55
N PRO B 102 2.51 0.42 10.99
CA PRO B 102 3.21 -0.66 10.26
C PRO B 102 2.30 -1.83 9.87
N SER B 103 1.65 -2.42 10.86
CA SER B 103 0.78 -3.59 10.58
C SER B 103 -0.42 -3.24 9.71
N THR B 104 -1.01 -2.06 9.94
CA THR B 104 -2.20 -1.67 9.18
C THR B 104 -1.89 -1.47 7.69
N ILE B 105 -0.75 -0.83 7.37
CA ILE B 105 -0.32 -0.64 5.99
C ILE B 105 -0.10 -1.98 5.34
N ASN B 106 0.65 -2.84 6.03
CA ASN B 106 0.96 -4.12 5.44
C ASN B 106 -0.30 -4.96 5.19
N THR B 107 -1.23 -4.96 6.15
CA THR B 107 -2.45 -5.74 6.02
C THR B 107 -3.32 -5.18 4.85
N ALA B 108 -3.46 -3.86 4.81
CA ALA B 108 -4.23 -3.22 3.76
C ALA B 108 -3.60 -3.59 2.42
N ASN B 109 -2.28 -3.47 2.30
CA ASN B 109 -1.62 -3.79 1.03
C ASN B 109 -1.79 -5.26 0.69
N TYR B 110 -1.65 -6.14 1.69
CA TYR B 110 -1.86 -7.57 1.48
C TYR B 110 -3.28 -7.83 0.90
N MET B 111 -4.29 -7.14 1.42
CA MET B 111 -5.63 -7.33 0.87
C MET B 111 -5.82 -6.87 -0.58
N TYR B 112 -4.99 -5.92 -1.05
CA TYR B 112 -5.08 -5.47 -2.44
C TYR B 112 -4.68 -6.68 -3.28
N PHE B 113 -3.64 -7.35 -2.84
CA PHE B 113 -3.20 -8.50 -3.55
C PHE B 113 -4.12 -9.70 -3.42
N ARG B 114 -4.84 -9.80 -2.30
CA ARG B 114 -5.78 -10.93 -2.16
C ARG B 114 -6.92 -10.65 -3.14
N ALA B 115 -7.26 -9.35 -3.29
CA ALA B 115 -8.33 -8.92 -4.20
C ALA B 115 -7.97 -9.31 -5.61
N MET B 116 -6.74 -9.01 -5.98
CA MET B 116 -6.20 -9.29 -7.29
C MET B 116 -6.31 -10.81 -7.61
N GLN B 117 -6.05 -11.65 -6.61
CA GLN B 117 -6.13 -13.11 -6.79
C GLN B 117 -7.56 -13.59 -7.11
N LEU B 118 -8.55 -12.93 -6.52
CA LEU B 118 -9.95 -13.25 -6.75
C LEU B 118 -10.39 -12.94 -8.21
N VAL B 119 -9.72 -11.98 -8.84
CA VAL B 119 -10.00 -11.61 -10.21
C VAL B 119 -9.76 -12.83 -11.12
N SER B 120 -8.68 -13.58 -10.85
CA SER B 120 -8.39 -14.76 -11.66
C SER B 120 -9.45 -15.86 -11.52
N GLN B 121 -10.32 -15.76 -10.52
CA GLN B 121 -11.36 -16.78 -10.35
C GLN B 121 -12.72 -16.36 -10.92
N LEU B 122 -12.77 -15.21 -11.55
CA LEU B 122 -14.00 -14.73 -12.16
C LEU B 122 -14.26 -15.52 -13.45
N THR B 123 -13.18 -15.93 -14.13
CA THR B 123 -13.25 -16.68 -15.39
C THR B 123 -11.93 -17.39 -15.67
N THR B 124 -11.99 -18.42 -16.51
CA THR B 124 -10.80 -19.11 -16.94
C THR B 124 -10.58 -18.75 -18.41
N LYS B 125 -11.57 -18.09 -19.04
CA LYS B 125 -11.40 -17.70 -20.46
C LYS B 125 -10.24 -16.73 -20.56
N GLU B 126 -9.19 -17.14 -21.25
CA GLU B 126 -7.94 -16.35 -21.32
C GLU B 126 -7.99 -14.92 -21.86
N PRO B 127 -8.88 -14.65 -22.82
CA PRO B 127 -8.92 -13.27 -23.34
C PRO B 127 -9.55 -12.39 -22.27
N LEU B 128 -10.75 -12.80 -21.86
CA LEU B 128 -11.53 -12.12 -20.85
C LEU B 128 -10.72 -11.93 -19.55
N TYR B 129 -10.01 -12.96 -19.14
CA TYR B 129 -9.21 -12.84 -17.93
C TYR B 129 -8.29 -11.61 -18.00
N HIS B 130 -7.59 -11.50 -19.12
CA HIS B 130 -6.69 -10.40 -19.32
C HIS B 130 -7.42 -9.05 -19.27
N ASN B 131 -8.63 -9.01 -19.80
CA ASN B 131 -9.44 -7.81 -19.81
C ASN B 131 -9.74 -7.43 -18.39
N LEU B 132 -10.09 -8.44 -17.58
CA LEU B 132 -10.40 -8.23 -16.17
C LEU B 132 -9.16 -7.72 -15.38
N ILE B 133 -8.00 -8.33 -15.58
CA ILE B 133 -6.78 -7.88 -14.92
C ILE B 133 -6.50 -6.43 -15.31
N THR B 134 -6.53 -6.16 -16.61
CA THR B 134 -6.31 -4.80 -17.13
C THR B 134 -7.25 -3.79 -16.47
N ILE B 135 -8.52 -4.15 -16.36
CA ILE B 135 -9.50 -3.24 -15.74
C ILE B 135 -9.07 -2.95 -14.32
N PHE B 136 -8.77 -4.03 -13.59
CA PHE B 136 -8.34 -3.99 -12.22
C PHE B 136 -7.12 -3.07 -12.08
N ASN B 137 -6.12 -3.35 -12.91
CA ASN B 137 -4.86 -2.63 -12.91
C ASN B 137 -5.10 -1.12 -13.15
N GLU B 138 -5.84 -0.80 -14.23
CA GLU B 138 -6.14 0.57 -14.61
C GLU B 138 -6.87 1.34 -13.54
N GLU B 139 -7.88 0.77 -12.92
CA GLU B 139 -8.59 1.58 -11.92
C GLU B 139 -7.85 1.76 -10.60
N LEU B 140 -6.96 0.84 -10.25
CA LEU B 140 -6.18 1.02 -9.04
C LEU B 140 -5.18 2.12 -9.29
N ILE B 141 -4.66 2.14 -10.51
CA ILE B 141 -3.75 3.15 -10.90
C ILE B 141 -4.45 4.52 -10.79
N ASN B 142 -5.69 4.59 -11.27
CA ASN B 142 -6.44 5.85 -11.21
C ASN B 142 -6.72 6.27 -9.81
N LEU B 143 -7.08 5.29 -9.00
CA LEU B 143 -7.40 5.56 -7.59
C LEU B 143 -6.16 6.20 -6.87
N HIS B 144 -4.97 5.64 -7.11
CA HIS B 144 -3.76 6.17 -6.47
C HIS B 144 -3.35 7.53 -7.05
N ARG B 145 -3.57 7.74 -8.36
CA ARG B 145 -3.24 9.03 -8.94
C ARG B 145 -4.10 10.11 -8.29
N GLY B 146 -5.39 9.80 -8.18
CA GLY B 146 -6.32 10.75 -7.63
C GLY B 146 -6.00 11.01 -6.17
N GLN B 147 -5.83 9.92 -5.41
CA GLN B 147 -5.49 10.03 -3.99
C GLN B 147 -4.13 10.75 -3.87
N GLY B 148 -3.21 10.48 -4.79
CA GLY B 148 -1.93 11.15 -4.71
C GLY B 148 -2.05 12.67 -4.84
N LEU B 149 -2.90 13.10 -5.76
CA LEU B 149 -3.08 14.50 -6.03
C LEU B 149 -3.82 15.19 -4.89
N ASP B 150 -4.80 14.49 -4.32
CA ASP B 150 -5.55 15.04 -3.20
C ASP B 150 -4.58 15.28 -2.01
N ILE B 151 -3.77 14.28 -1.69
CA ILE B 151 -2.78 14.38 -0.59
C ILE B 151 -1.77 15.49 -0.90
N TYR B 152 -1.25 15.51 -2.13
CA TYR B 152 -0.29 16.51 -2.51
C TYR B 152 -0.81 17.97 -2.27
N TRP B 153 -2.00 18.29 -2.78
CA TRP B 153 -2.53 19.64 -2.56
C TRP B 153 -2.65 19.97 -1.05
N ARG B 154 -3.07 18.98 -0.26
CA ARG B 154 -3.21 19.15 1.17
C ARG B 154 -1.86 19.41 1.87
N ASP B 155 -0.91 18.52 1.64
CA ASP B 155 0.40 18.62 2.28
C ASP B 155 1.34 19.69 1.75
N PHE B 156 1.08 20.20 0.55
CA PHE B 156 1.90 21.27 0.04
C PHE B 156 1.22 22.60 0.13
N LEU B 157 -0.03 22.63 0.59
CA LEU B 157 -0.71 23.94 0.72
C LEU B 157 0.21 24.87 1.55
N PRO B 158 0.29 26.15 1.20
CA PRO B 158 -0.41 26.80 0.10
C PRO B 158 0.31 26.89 -1.25
N GLU B 159 1.14 25.90 -1.58
CA GLU B 159 1.84 25.97 -2.86
C GLU B 159 0.85 25.96 -4.03
N ILE B 160 -0.16 25.09 -3.96
CA ILE B 160 -1.13 25.02 -5.05
C ILE B 160 -2.59 25.07 -4.58
N ILE B 161 -3.35 26.00 -5.11
CA ILE B 161 -4.75 26.05 -4.76
C ILE B 161 -5.48 25.55 -6.01
N PRO B 162 -6.10 24.37 -5.90
CA PRO B 162 -6.78 23.90 -7.10
C PRO B 162 -8.02 24.68 -7.46
N THR B 163 -8.38 24.59 -8.74
CA THR B 163 -9.58 25.19 -9.26
C THR B 163 -10.62 24.08 -9.18
N GLN B 164 -11.87 24.44 -9.40
CA GLN B 164 -12.97 23.52 -9.39
C GLN B 164 -12.73 22.42 -10.44
N GLU B 165 -12.19 22.83 -11.58
CA GLU B 165 -11.91 21.91 -12.66
C GLU B 165 -10.84 20.92 -12.21
N MET B 166 -9.76 21.41 -11.60
CA MET B 166 -8.69 20.52 -11.19
C MET B 166 -9.26 19.54 -10.19
N TYR B 167 -10.06 20.06 -9.26
CA TYR B 167 -10.69 19.24 -8.25
C TYR B 167 -11.55 18.13 -8.86
N LEU B 168 -12.31 18.47 -9.90
CA LEU B 168 -13.18 17.51 -10.53
C LEU B 168 -12.36 16.42 -11.17
N ASN B 169 -11.22 16.77 -11.76
CA ASN B 169 -10.38 15.74 -12.37
C ASN B 169 -9.78 14.83 -11.31
N MET B 170 -9.41 15.40 -10.18
CA MET B 170 -8.87 14.59 -9.07
C MET B 170 -9.94 13.57 -8.61
N VAL B 171 -11.19 14.02 -8.51
CA VAL B 171 -12.27 13.16 -8.09
C VAL B 171 -12.57 12.03 -9.10
N MET B 172 -12.45 12.34 -10.40
CA MET B 172 -12.69 11.32 -11.46
C MET B 172 -11.72 10.14 -11.24
N ASN B 173 -10.49 10.49 -10.90
CA ASN B 173 -9.45 9.51 -10.62
C ASN B 173 -9.71 8.86 -9.25
N LYS B 174 -9.75 9.67 -8.19
CA LYS B 174 -9.91 9.15 -6.83
C LYS B 174 -11.20 8.39 -6.56
N THR B 175 -12.32 9.10 -6.50
CA THR B 175 -13.58 8.48 -6.17
C THR B 175 -14.18 7.62 -7.31
N GLY B 176 -13.89 7.96 -8.57
CA GLY B 176 -14.41 7.19 -9.66
C GLY B 176 -13.74 5.84 -9.86
N GLY B 177 -12.46 5.76 -9.51
CA GLY B 177 -11.71 4.54 -9.65
C GLY B 177 -12.43 3.25 -9.24
N LEU B 178 -12.85 3.15 -7.98
CA LEU B 178 -13.53 1.95 -7.51
C LEU B 178 -14.97 1.81 -8.03
N PHE B 179 -15.64 2.92 -8.32
CA PHE B 179 -17.00 2.79 -8.88
C PHE B 179 -16.85 2.18 -10.27
N ARG B 180 -15.96 2.75 -11.07
CA ARG B 180 -15.66 2.25 -12.41
C ARG B 180 -15.06 0.83 -12.41
N LEU B 181 -14.21 0.51 -11.42
CA LEU B 181 -13.64 -0.83 -11.39
C LEU B 181 -14.78 -1.84 -11.26
N THR B 182 -15.68 -1.61 -10.30
CA THR B 182 -16.83 -2.48 -10.04
C THR B 182 -17.70 -2.65 -11.28
N LEU B 183 -18.06 -1.50 -11.85
CA LEU B 183 -18.91 -1.47 -13.01
C LEU B 183 -18.27 -2.13 -14.24
N ARG B 184 -17.05 -1.70 -14.55
CA ARG B 184 -16.38 -2.23 -15.71
C ARG B 184 -16.20 -3.74 -15.64
N LEU B 185 -15.90 -4.27 -14.46
CA LEU B 185 -15.75 -5.72 -14.28
C LEU B 185 -17.10 -6.40 -14.64
N MET B 186 -18.16 -5.91 -14.00
CA MET B 186 -19.51 -6.45 -14.22
C MET B 186 -19.92 -6.39 -15.69
N GLU B 187 -19.58 -5.29 -16.36
CA GLU B 187 -19.91 -5.14 -17.76
C GLU B 187 -19.12 -6.10 -18.60
N ALA B 188 -17.88 -6.34 -18.21
CA ALA B 188 -17.04 -7.25 -18.99
C ALA B 188 -17.53 -8.70 -18.81
N LEU B 189 -18.06 -9.01 -17.64
CA LEU B 189 -18.55 -10.34 -17.39
C LEU B 189 -20.01 -10.54 -17.88
N SER B 190 -20.73 -9.47 -18.13
CA SER B 190 -22.13 -9.54 -18.56
C SER B 190 -22.46 -10.47 -19.72
N PRO B 191 -23.39 -11.42 -19.49
CA PRO B 191 -23.74 -12.33 -20.59
C PRO B 191 -24.80 -11.71 -21.50
N SER B 192 -25.29 -10.53 -21.12
CA SER B 192 -26.31 -9.81 -21.87
C SER B 192 -25.71 -9.02 -23.04
N HIS B 197 -25.76 0.66 -24.07
CA HIS B 197 -24.72 1.66 -23.75
C HIS B 197 -24.10 1.42 -22.38
N SER B 198 -22.81 1.74 -22.26
CA SER B 198 -22.07 1.57 -21.01
C SER B 198 -22.64 2.40 -19.88
N LEU B 199 -22.65 1.85 -18.68
CA LEU B 199 -23.15 2.62 -17.55
C LEU B 199 -21.96 3.36 -16.86
N VAL B 200 -20.82 3.46 -17.53
CA VAL B 200 -19.65 4.11 -16.92
C VAL B 200 -19.86 5.60 -16.68
N PRO B 201 -20.50 6.32 -17.62
CA PRO B 201 -20.75 7.76 -17.49
C PRO B 201 -21.61 7.98 -16.25
N PHE B 202 -22.62 7.15 -16.09
CA PHE B 202 -23.51 7.23 -14.96
C PHE B 202 -22.74 7.00 -13.64
N ILE B 203 -21.84 6.02 -13.65
CA ILE B 203 -21.11 5.69 -12.45
C ILE B 203 -20.08 6.81 -12.12
N ASN B 204 -19.55 7.47 -13.15
CA ASN B 204 -18.63 8.58 -12.89
C ASN B 204 -19.37 9.71 -12.18
N LEU B 205 -20.56 10.04 -12.70
CA LEU B 205 -21.37 11.12 -12.11
C LEU B 205 -21.74 10.73 -10.68
N LEU B 206 -22.09 9.46 -10.51
CA LEU B 206 -22.46 8.99 -9.18
C LEU B 206 -21.28 9.24 -8.23
N GLY B 207 -20.08 8.93 -8.73
CA GLY B 207 -18.85 9.10 -7.95
C GLY B 207 -18.59 10.56 -7.56
N ILE B 208 -18.80 11.48 -8.51
CA ILE B 208 -18.61 12.89 -8.29
C ILE B 208 -19.63 13.40 -7.28
N ILE B 209 -20.87 12.93 -7.43
CA ILE B 209 -21.93 13.32 -6.51
C ILE B 209 -21.58 12.86 -5.09
N TYR B 210 -21.15 11.60 -5.01
CA TYR B 210 -20.80 11.02 -3.72
C TYR B 210 -19.65 11.82 -3.04
N GLN B 211 -18.60 12.15 -3.79
CA GLN B 211 -17.50 12.88 -3.14
C GLN B 211 -17.88 14.34 -2.74
N ILE B 212 -18.60 15.06 -3.60
CA ILE B 212 -18.95 16.42 -3.24
C ILE B 212 -19.91 16.43 -2.08
N ARG B 213 -20.84 15.50 -2.10
CA ARG B 213 -21.78 15.40 -1.02
C ARG B 213 -21.05 15.03 0.28
N ASP B 214 -20.04 14.17 0.17
CA ASP B 214 -19.26 13.78 1.34
C ASP B 214 -18.58 15.06 1.90
N ASP B 215 -17.92 15.82 1.04
CA ASP B 215 -17.25 17.08 1.47
C ASP B 215 -18.27 18.04 2.12
N TYR B 216 -19.43 18.14 1.49
CA TYR B 216 -20.48 19.03 1.98
C TYR B 216 -21.00 18.63 3.35
N LEU B 217 -21.36 17.37 3.51
CA LEU B 217 -21.89 16.91 4.79
C LEU B 217 -20.90 16.98 5.93
N ASN B 218 -19.61 16.75 5.65
CA ASN B 218 -18.60 16.83 6.70
C ASN B 218 -18.65 18.19 7.37
N LEU B 219 -18.98 19.26 6.64
CA LEU B 219 -19.04 20.57 7.27
C LEU B 219 -20.43 20.93 7.84
N LYS B 220 -21.46 20.48 7.13
CA LYS B 220 -22.87 20.73 7.46
C LYS B 220 -23.28 20.01 8.75
N ASP B 221 -22.86 18.75 8.89
CA ASP B 221 -23.13 17.93 10.07
C ASP B 221 -22.52 18.52 11.32
N PHE B 222 -21.42 19.25 11.16
CA PHE B 222 -20.76 19.89 12.28
C PHE B 222 -21.55 21.16 12.63
N GLN B 223 -21.80 21.98 11.62
CA GLN B 223 -22.53 23.24 11.74
C GLN B 223 -23.91 23.06 12.42
N MET B 224 -24.68 22.08 11.95
CA MET B 224 -26.01 21.79 12.49
C MET B 224 -25.89 21.04 13.81
N SER B 225 -24.68 20.79 14.27
CA SER B 225 -24.50 20.07 15.53
C SER B 225 -23.08 19.59 15.80
N SER B 226 -22.48 20.15 16.85
CA SER B 226 -21.14 19.76 17.24
C SER B 226 -21.19 18.41 17.96
N GLY B 229 -21.00 15.20 13.86
CA GLY B 229 -20.00 15.67 12.86
C GLY B 229 -18.91 16.50 13.53
N PHE B 230 -17.66 16.13 13.27
CA PHE B 230 -16.55 16.88 13.86
C PHE B 230 -15.88 17.82 12.87
N ALA B 231 -16.29 17.74 11.60
CA ALA B 231 -15.70 18.53 10.52
C ALA B 231 -14.20 18.21 10.49
N GLU B 232 -13.88 16.91 10.48
CA GLU B 232 -12.49 16.43 10.44
C GLU B 232 -11.77 16.92 9.18
N ASP B 233 -12.51 17.19 8.10
CA ASP B 233 -11.89 17.69 6.89
C ASP B 233 -11.12 19.00 7.13
N ILE B 234 -11.59 19.79 8.09
CA ILE B 234 -10.93 21.06 8.41
C ILE B 234 -9.65 20.75 9.17
N THR B 235 -9.75 19.87 10.16
CA THR B 235 -8.59 19.49 10.95
C THR B 235 -7.50 18.92 10.06
N GLU B 236 -7.94 18.18 9.05
CA GLU B 236 -7.07 17.52 8.10
C GLU B 236 -6.48 18.51 7.05
N GLY B 237 -7.11 19.69 6.91
CA GLY B 237 -6.63 20.69 5.97
C GLY B 237 -6.91 20.35 4.52
N LYS B 238 -7.93 19.52 4.33
CA LYS B 238 -8.39 19.06 3.02
C LYS B 238 -8.89 20.11 1.97
N LEU B 239 -8.49 19.95 0.71
CA LEU B 239 -8.97 20.85 -0.35
C LEU B 239 -10.35 20.35 -0.83
N SER B 240 -11.32 20.35 0.08
CA SER B 240 -12.69 19.89 -0.19
C SER B 240 -13.40 20.80 -1.23
N PHE B 241 -14.56 20.37 -1.72
CA PHE B 241 -15.27 21.16 -2.74
C PHE B 241 -15.65 22.59 -2.28
N PRO B 242 -16.17 22.74 -1.05
CA PRO B 242 -16.55 24.05 -0.50
C PRO B 242 -15.35 24.97 -0.28
N ILE B 243 -14.29 24.35 0.24
CA ILE B 243 -13.03 25.09 0.49
C ILE B 243 -12.45 25.59 -0.84
N VAL B 244 -12.48 24.75 -1.85
CA VAL B 244 -11.95 25.11 -3.17
C VAL B 244 -12.76 26.28 -3.72
N HIS B 245 -14.08 26.22 -3.53
CA HIS B 245 -14.93 27.30 -3.98
C HIS B 245 -14.60 28.53 -3.16
N ALA B 246 -14.53 28.42 -1.82
CA ALA B 246 -14.22 29.61 -1.05
C ALA B 246 -12.86 30.24 -1.42
N LEU B 247 -11.82 29.44 -1.64
CA LEU B 247 -10.49 29.98 -1.96
C LEU B 247 -10.46 30.75 -3.28
N ASN B 248 -11.01 30.15 -4.32
CA ASN B 248 -11.04 30.79 -5.62
C ASN B 248 -12.01 31.99 -5.67
N PHE B 249 -13.05 31.96 -4.84
CA PHE B 249 -14.04 33.05 -4.78
C PHE B 249 -13.36 34.28 -4.18
N THR B 250 -12.79 34.13 -2.99
CA THR B 250 -12.12 35.25 -2.38
C THR B 250 -10.95 35.75 -3.25
N LYS B 251 -10.25 34.87 -3.97
CA LYS B 251 -9.15 35.32 -4.81
C LYS B 251 -9.69 36.18 -5.95
N THR B 252 -10.75 35.70 -6.59
CA THR B 252 -11.40 36.43 -7.68
C THR B 252 -12.02 37.76 -7.22
N LYS B 253 -12.68 37.75 -6.08
CA LYS B 253 -13.27 38.98 -5.59
C LYS B 253 -12.21 39.91 -4.99
N GLY B 254 -10.95 39.47 -4.98
CA GLY B 254 -9.87 40.26 -4.42
C GLY B 254 -9.92 40.40 -2.92
N GLN B 255 -10.65 39.51 -2.23
CA GLN B 255 -10.75 39.54 -0.77
C GLN B 255 -9.53 38.91 -0.11
N THR B 256 -8.42 39.59 -0.24
CA THR B 256 -7.16 39.14 0.29
C THR B 256 -7.14 38.56 1.71
N GLU B 257 -7.69 39.30 2.67
CA GLU B 257 -7.66 38.84 4.05
C GLU B 257 -8.56 37.63 4.31
N GLN B 258 -9.66 37.50 3.58
CA GLN B 258 -10.53 36.35 3.78
C GLN B 258 -9.85 35.10 3.19
N HIS B 259 -9.16 35.31 2.07
CA HIS B 259 -8.42 34.29 1.36
C HIS B 259 -7.37 33.71 2.30
N ASN B 260 -6.56 34.59 2.89
CA ASN B 260 -5.50 34.21 3.80
C ASN B 260 -5.98 33.55 5.09
N GLU B 261 -7.11 34.04 5.59
CA GLU B 261 -7.69 33.52 6.80
C GLU B 261 -8.16 32.05 6.66
N ILE B 262 -8.68 31.69 5.49
CA ILE B 262 -9.11 30.34 5.20
C ILE B 262 -7.83 29.50 5.17
N LEU B 263 -6.82 30.01 4.47
CA LEU B 263 -5.54 29.26 4.39
C LEU B 263 -4.92 29.05 5.77
N ARG B 264 -4.99 30.06 6.63
CA ARG B 264 -4.45 29.97 7.96
C ARG B 264 -5.12 28.92 8.85
N ILE B 265 -6.44 28.81 8.74
CA ILE B 265 -7.16 27.85 9.56
C ILE B 265 -6.86 26.45 9.06
N LEU B 266 -6.82 26.27 7.74
CA LEU B 266 -6.52 24.95 7.21
C LEU B 266 -5.12 24.49 7.62
N LEU B 267 -4.16 25.42 7.58
CA LEU B 267 -2.76 25.15 7.94
C LEU B 267 -2.56 24.86 9.42
N LEU B 268 -3.52 25.27 10.25
CA LEU B 268 -3.46 25.03 11.67
C LEU B 268 -3.66 23.54 12.00
N ARG B 269 -4.32 22.78 11.14
CA ARG B 269 -4.60 21.36 11.43
C ARG B 269 -5.25 21.38 12.84
N THR B 270 -6.24 22.23 13.01
CA THR B 270 -6.87 22.40 14.30
C THR B 270 -8.08 21.48 14.63
N SER B 271 -8.18 21.13 15.92
CA SER B 271 -9.28 20.34 16.44
C SER B 271 -10.18 21.27 17.24
N ASP B 272 -9.81 22.56 17.30
CA ASP B 272 -10.59 23.55 18.07
C ASP B 272 -11.96 23.91 17.46
N LYS B 273 -13.03 23.49 18.14
CA LYS B 273 -14.38 23.75 17.68
C LYS B 273 -14.63 25.23 17.30
N ASP B 274 -14.19 26.17 18.13
CA ASP B 274 -14.40 27.60 17.84
C ASP B 274 -13.68 28.02 16.54
N ILE B 275 -12.47 27.48 16.33
CA ILE B 275 -11.77 27.84 15.13
C ILE B 275 -12.44 27.20 13.94
N LYS B 276 -12.84 25.93 14.07
CA LYS B 276 -13.49 25.29 12.96
C LYS B 276 -14.79 26.04 12.61
N LEU B 277 -15.49 26.55 13.61
CA LEU B 277 -16.75 27.28 13.36
C LEU B 277 -16.44 28.59 12.59
N LYS B 278 -15.39 29.28 12.98
CA LYS B 278 -15.00 30.51 12.31
C LYS B 278 -14.82 30.27 10.82
N LEU B 279 -14.19 29.14 10.46
CA LEU B 279 -13.99 28.86 9.05
C LEU B 279 -15.34 28.60 8.37
N ILE B 280 -16.23 27.90 9.05
CA ILE B 280 -17.54 27.63 8.46
C ILE B 280 -18.34 28.94 8.30
N GLN B 281 -18.22 29.85 9.26
CA GLN B 281 -18.93 31.10 9.15
C GLN B 281 -18.38 31.92 7.98
N ILE B 282 -17.10 31.74 7.63
CA ILE B 282 -16.54 32.44 6.47
C ILE B 282 -17.21 31.85 5.24
N LEU B 283 -17.37 30.53 5.23
CA LEU B 283 -17.98 29.90 4.08
C LEU B 283 -19.47 30.24 3.93
N GLU B 284 -20.17 30.43 5.04
CA GLU B 284 -21.59 30.71 4.94
C GLU B 284 -21.86 32.18 4.67
N PHE B 285 -21.24 33.07 5.46
CA PHE B 285 -21.41 34.52 5.35
C PHE B 285 -20.54 35.25 4.30
N ASP B 286 -19.33 34.78 4.04
CA ASP B 286 -18.51 35.48 3.07
C ASP B 286 -18.58 34.99 1.65
N THR B 287 -18.40 33.70 1.45
CA THR B 287 -18.37 33.16 0.11
C THR B 287 -19.66 32.48 -0.27
N ASN B 288 -20.47 32.11 0.74
CA ASN B 288 -21.75 31.41 0.50
C ASN B 288 -21.42 30.08 -0.22
N SER B 289 -20.25 29.53 0.12
CA SER B 289 -19.73 28.29 -0.45
C SER B 289 -20.57 27.04 -0.18
N LEU B 290 -21.16 26.96 1.01
CA LEU B 290 -21.99 25.81 1.38
C LEU B 290 -23.25 25.81 0.56
N ALA B 291 -23.91 26.96 0.47
CA ALA B 291 -25.13 27.07 -0.36
C ALA B 291 -24.72 26.77 -1.80
N TYR B 292 -23.56 27.26 -2.24
CA TYR B 292 -23.11 26.98 -3.62
C TYR B 292 -22.91 25.48 -3.87
N THR B 293 -22.41 24.79 -2.86
CA THR B 293 -22.17 23.34 -3.01
C THR B 293 -23.51 22.58 -3.01
N LYS B 294 -24.43 22.99 -2.15
CA LYS B 294 -25.76 22.38 -2.09
C LYS B 294 -26.38 22.48 -3.49
N ASN B 295 -26.32 23.67 -4.05
CA ASN B 295 -26.89 23.87 -5.34
C ASN B 295 -26.21 23.01 -6.38
N PHE B 296 -24.89 22.97 -6.31
CA PHE B 296 -24.12 22.23 -7.29
C PHE B 296 -24.44 20.71 -7.24
N ILE B 297 -24.66 20.18 -6.04
CA ILE B 297 -25.01 18.77 -5.91
C ILE B 297 -26.41 18.53 -6.53
N ASN B 298 -27.38 19.38 -6.16
CA ASN B 298 -28.75 19.29 -6.69
C ASN B 298 -28.73 19.27 -8.21
N GLN B 299 -27.91 20.15 -8.80
CA GLN B 299 -27.84 20.17 -10.25
C GLN B 299 -27.36 18.83 -10.78
N LEU B 300 -26.34 18.25 -10.14
CA LEU B 300 -25.78 16.97 -10.60
C LEU B 300 -26.82 15.87 -10.54
N VAL B 301 -27.57 15.87 -9.45
CA VAL B 301 -28.61 14.88 -9.25
C VAL B 301 -29.72 15.08 -10.27
N ASN B 302 -30.04 16.34 -10.60
CA ASN B 302 -31.10 16.61 -11.58
C ASN B 302 -30.70 16.01 -12.91
N MET B 303 -29.41 15.94 -13.20
CA MET B 303 -28.94 15.38 -14.46
C MET B 303 -29.38 13.93 -14.59
N ILE B 304 -29.62 13.28 -13.47
CA ILE B 304 -30.04 11.90 -13.49
C ILE B 304 -31.58 11.87 -13.48
N LYS B 305 -32.20 12.67 -12.61
CA LYS B 305 -33.65 12.74 -12.55
C LYS B 305 -34.30 13.19 -13.88
N ASN B 306 -33.73 14.21 -14.52
CA ASN B 306 -34.28 14.70 -15.78
C ASN B 306 -33.67 13.99 -16.97
N ASP B 307 -33.30 12.72 -16.78
CA ASP B 307 -32.72 11.94 -17.87
C ASP B 307 -33.88 11.16 -18.50
N ASN B 308 -34.70 11.88 -19.25
CA ASN B 308 -35.87 11.30 -19.90
C ASN B 308 -35.53 10.40 -21.07
N GLU B 309 -34.64 10.88 -21.93
CA GLU B 309 -34.20 10.13 -23.10
C GLU B 309 -33.24 9.03 -22.69
N ASN B 310 -33.13 8.82 -21.37
CA ASN B 310 -32.25 7.82 -20.79
C ASN B 310 -30.85 7.85 -21.38
N LYS B 311 -30.18 9.00 -21.30
CA LYS B 311 -28.85 9.09 -21.85
C LYS B 311 -27.88 8.39 -20.91
N TYR B 312 -28.08 8.59 -19.62
CA TYR B 312 -27.21 8.02 -18.59
C TYR B 312 -27.63 6.69 -18.02
N LEU B 313 -28.90 6.54 -17.70
CA LEU B 313 -29.39 5.28 -17.17
C LEU B 313 -29.87 4.41 -18.32
N PRO B 314 -30.17 3.13 -18.03
CA PRO B 314 -30.65 2.24 -19.08
C PRO B 314 -32.13 2.48 -19.39
#